data_6JVH
#
_entry.id   6JVH
#
_cell.length_a   59.314
_cell.length_b   67.069
_cell.length_c   80.160
_cell.angle_alpha   90.000
_cell.angle_beta   90.000
_cell.angle_gamma   90.000
#
_symmetry.space_group_name_H-M   'P 21 21 21'
#
loop_
_entity.id
_entity.type
_entity.pdbx_description
1 polymer '7,8-dihydro-8-oxoguanine triphosphatase'
2 non-polymer 4-amino-6-fluoroquinoline-3-carbohydrazide
3 water water
#
_entity_poly.entity_id   1
_entity_poly.type   'polypeptide(L)'
_entity_poly.pdbx_seq_one_letter_code
;MGASRLYTLVLVLQPQRVLLGMKKRGFGAGRWNGFGGKVQEGETIEDGARRELQEESGLTVDALHKVGQIVFEFVGEPEL
MDVHVFCTDSIQGTPVESDEMRPCWFQLDQIPFKDMWPDDSYWFPLLLQKKKFHGYFKFQGQDTILDYTLREVDTV
;
_entity_poly.pdbx_strand_id   A,B
#
# COMPACT_ATOMS: atom_id res chain seq x y z
N ALA A 3 10.53 9.99 15.26
CA ALA A 3 10.24 9.25 16.50
C ALA A 3 9.82 7.83 16.18
N SER A 4 10.76 6.89 16.24
CA SER A 4 10.42 5.51 15.91
C SER A 4 11.24 4.59 16.81
N ARG A 5 10.77 3.36 16.95
CA ARG A 5 11.42 2.39 17.81
C ARG A 5 11.44 1.05 17.10
N LEU A 6 12.57 0.36 17.16
CA LEU A 6 12.74 -0.87 16.42
C LEU A 6 12.08 -2.04 17.13
N TYR A 7 11.39 -2.87 16.35
CA TYR A 7 10.81 -4.13 16.80
C TYR A 7 11.14 -5.21 15.80
N THR A 8 11.01 -6.47 16.23
CA THR A 8 11.20 -7.62 15.35
C THR A 8 9.93 -8.47 15.33
N LEU A 9 9.83 -9.28 14.27
CA LEU A 9 8.71 -10.22 14.14
C LEU A 9 9.23 -11.40 13.36
N VAL A 10 9.12 -12.60 13.92
CA VAL A 10 9.73 -13.78 13.33
C VAL A 10 8.64 -14.80 12.99
N LEU A 11 8.61 -15.22 11.72
CA LEU A 11 7.65 -16.23 11.27
C LEU A 11 8.39 -17.50 10.86
N VAL A 12 8.10 -18.59 11.56
CA VAL A 12 8.63 -19.90 11.22
C VAL A 12 7.65 -20.50 10.21
N LEU A 13 8.03 -20.47 8.94
CA LEU A 13 7.19 -20.89 7.83
C LEU A 13 7.81 -22.11 7.17
N GLN A 14 7.14 -23.25 7.27
CA GLN A 14 7.57 -24.51 6.70
C GLN A 14 6.69 -24.85 5.51
N PRO A 15 7.01 -25.89 4.73
CA PRO A 15 6.24 -26.17 3.50
C PRO A 15 4.72 -26.23 3.69
N GLN A 16 4.23 -26.81 4.80
CA GLN A 16 2.80 -27.00 4.93
C GLN A 16 2.23 -26.40 6.21
N ARG A 17 2.97 -25.56 6.94
CA ARG A 17 2.48 -25.04 8.20
C ARG A 17 3.32 -23.84 8.65
N VAL A 18 2.70 -23.02 9.50
CA VAL A 18 3.34 -21.81 10.01
C VAL A 18 3.15 -21.79 11.52
N LEU A 19 4.18 -21.31 12.23
CA LEU A 19 4.16 -21.27 13.69
C LEU A 19 3.68 -19.91 14.18
N LEU A 20 2.76 -19.92 15.14
CA LEU A 20 2.28 -18.71 15.79
C LEU A 20 2.13 -18.97 17.28
N GLY A 21 2.11 -17.90 18.05
CA GLY A 21 1.90 -18.00 19.49
C GLY A 21 0.78 -17.11 19.94
N MET A 22 -0.07 -17.66 20.81
CA MET A 22 -1.13 -16.91 21.45
C MET A 22 -0.52 -16.01 22.53
N LYS A 23 -0.67 -14.71 22.38
CA LYS A 23 0.00 -13.80 23.31
C LYS A 23 -0.76 -13.81 24.63
N LYS A 24 -0.07 -14.20 25.69
CA LYS A 24 -0.72 -14.47 26.96
C LYS A 24 -0.86 -13.23 27.83
N ARG A 25 0.05 -12.27 27.68
CA ARG A 25 0.08 -11.06 28.50
C ARG A 25 0.60 -9.93 27.64
N GLY A 26 0.45 -8.70 28.14
CA GLY A 26 1.01 -7.54 27.47
C GLY A 26 0.11 -6.96 26.39
N PHE A 27 0.75 -6.20 25.49
CA PHE A 27 0.05 -5.45 24.47
C PHE A 27 -0.43 -6.38 23.37
N GLY A 28 -1.73 -6.34 23.07
CA GLY A 28 -2.28 -7.25 22.08
C GLY A 28 -2.43 -8.68 22.56
N ALA A 29 -2.46 -8.92 23.87
CA ALA A 29 -2.75 -10.27 24.37
C ALA A 29 -4.08 -10.79 23.83
N GLY A 30 -4.16 -12.11 23.68
CA GLY A 30 -5.34 -12.74 23.14
C GLY A 30 -5.37 -12.85 21.63
N ARG A 31 -4.26 -12.54 20.94
CA ARG A 31 -4.15 -12.69 19.50
C ARG A 31 -3.00 -13.62 19.18
N TRP A 32 -3.16 -14.37 18.10
CA TRP A 32 -2.06 -15.16 17.53
C TRP A 32 -1.07 -14.21 16.88
N ASN A 33 0.21 -14.31 17.27
CA ASN A 33 1.25 -13.41 16.83
C ASN A 33 2.43 -14.21 16.27
N GLY A 34 3.26 -13.54 15.47
CA GLY A 34 4.62 -14.01 15.32
C GLY A 34 5.42 -13.77 16.60
N PHE A 35 6.65 -14.26 16.62
CA PHE A 35 7.53 -14.04 17.77
C PHE A 35 8.40 -12.81 17.55
N GLY A 36 8.57 -12.01 18.59
CA GLY A 36 9.33 -10.79 18.45
C GLY A 36 9.15 -9.86 19.65
N GLY A 37 9.67 -8.65 19.48
CA GLY A 37 9.55 -7.66 20.51
C GLY A 37 10.52 -6.53 20.24
N LYS A 38 10.67 -5.68 21.27
CA LYS A 38 11.57 -4.53 21.16
C LYS A 38 13.00 -4.99 20.95
N VAL A 39 13.72 -4.25 20.11
CA VAL A 39 15.16 -4.43 19.96
C VAL A 39 15.86 -3.65 21.07
N GLN A 40 16.80 -4.30 21.75
CA GLN A 40 17.46 -3.66 22.87
C GLN A 40 18.70 -2.90 22.41
N GLU A 41 19.15 -1.98 23.26
CA GLU A 41 20.44 -1.36 23.06
C GLU A 41 21.52 -2.42 23.12
N GLY A 42 22.47 -2.37 22.19
CA GLY A 42 23.60 -3.29 22.26
C GLY A 42 23.42 -4.61 21.55
N GLU A 43 22.36 -4.78 20.76
CA GLU A 43 22.19 -5.96 19.92
C GLU A 43 21.73 -5.50 18.54
N THR A 44 22.09 -6.27 17.52
CA THR A 44 21.57 -5.97 16.19
C THR A 44 20.08 -6.32 16.14
N ILE A 45 19.43 -5.86 15.08
CA ILE A 45 18.01 -6.18 14.91
C ILE A 45 17.83 -7.69 14.84
N GLU A 46 18.70 -8.37 14.10
CA GLU A 46 18.53 -9.82 13.95
C GLU A 46 18.88 -10.55 15.24
N ASP A 47 19.93 -10.11 15.94
CA ASP A 47 20.16 -10.55 17.32
C ASP A 47 18.87 -10.47 18.13
N GLY A 48 18.24 -9.30 18.11
CA GLY A 48 17.01 -9.12 18.86
C GLY A 48 15.92 -10.09 18.44
N ALA A 49 15.82 -10.36 17.14
CA ALA A 49 14.82 -11.31 16.66
C ALA A 49 15.10 -12.71 17.20
N ARG A 50 16.34 -13.17 17.09
CA ARG A 50 16.69 -14.49 17.61
C ARG A 50 16.50 -14.55 19.12
N ARG A 51 16.83 -13.47 19.83
CA ARG A 51 16.66 -13.46 21.27
C ARG A 51 15.18 -13.61 21.64
N GLU A 52 14.32 -12.81 21.02
CA GLU A 52 12.90 -12.89 21.34
C GLU A 52 12.33 -14.26 21.00
N LEU A 53 12.74 -14.84 19.87
CA LEU A 53 12.28 -16.18 19.51
C LEU A 53 12.64 -17.19 20.60
N GLN A 54 13.89 -17.16 21.07
CA GLN A 54 14.31 -18.11 22.11
C GLN A 54 13.58 -17.85 23.41
N GLU A 55 13.45 -16.58 23.80
CA GLU A 55 12.71 -16.25 25.01
C GLU A 55 11.26 -16.71 24.94
N GLU A 56 10.60 -16.52 23.80
CA GLU A 56 9.17 -16.75 23.73
C GLU A 56 8.79 -18.18 23.35
N SER A 57 9.73 -18.97 22.81
CA SER A 57 9.43 -20.31 22.33
C SER A 57 10.52 -21.34 22.55
N GLY A 58 11.71 -20.95 23.05
CA GLY A 58 12.84 -21.85 23.18
C GLY A 58 13.56 -22.17 21.89
N LEU A 59 13.07 -21.69 20.75
CA LEU A 59 13.65 -22.08 19.48
C LEU A 59 14.88 -21.24 19.16
N THR A 60 15.86 -21.89 18.54
CA THR A 60 16.97 -21.21 17.89
C THR A 60 16.90 -21.55 16.43
N VAL A 61 17.65 -20.80 15.62
CA VAL A 61 17.54 -20.96 14.17
C VAL A 61 18.93 -20.86 13.58
N ASP A 62 19.15 -21.59 12.49
CA ASP A 62 20.41 -21.43 11.78
C ASP A 62 20.45 -20.11 11.03
N ALA A 63 19.36 -19.77 10.34
CA ALA A 63 19.35 -18.55 9.53
C ALA A 63 17.99 -17.89 9.60
N LEU A 64 17.99 -16.57 9.75
CA LEU A 64 16.80 -15.74 9.60
C LEU A 64 16.95 -14.92 8.33
N HIS A 65 15.85 -14.75 7.58
CA HIS A 65 15.85 -14.01 6.34
C HIS A 65 14.91 -12.83 6.46
N LYS A 66 15.41 -11.63 6.14
CA LYS A 66 14.56 -10.45 6.08
C LYS A 66 13.50 -10.61 5.01
N VAL A 67 12.23 -10.55 5.39
CA VAL A 67 11.16 -10.60 4.41
C VAL A 67 10.34 -9.31 4.36
N GLY A 68 10.41 -8.46 5.37
CA GLY A 68 9.58 -7.27 5.30
C GLY A 68 9.87 -6.26 6.39
N GLN A 69 9.18 -5.12 6.27
CA GLN A 69 9.25 -4.03 7.22
C GLN A 69 7.86 -3.39 7.25
N ILE A 70 7.29 -3.25 8.44
CA ILE A 70 6.01 -2.60 8.63
C ILE A 70 6.19 -1.49 9.65
N VAL A 71 5.60 -0.32 9.37
CA VAL A 71 5.54 0.80 10.30
C VAL A 71 4.13 0.90 10.81
N PHE A 72 3.98 0.98 12.13
CA PHE A 72 2.68 1.19 12.76
C PHE A 72 2.66 2.54 13.45
N GLU A 73 1.59 3.29 13.24
CA GLU A 73 1.25 4.45 14.05
C GLU A 73 0.03 4.11 14.86
N PHE A 74 0.06 4.46 16.14
CA PHE A 74 -1.14 4.49 16.96
C PHE A 74 -1.47 5.95 17.27
N VAL A 75 -2.74 6.31 17.08
CA VAL A 75 -3.21 7.68 17.33
C VAL A 75 -2.84 8.07 18.76
N GLY A 76 -2.21 9.24 18.90
CA GLY A 76 -1.85 9.75 20.20
C GLY A 76 -0.59 9.19 20.79
N GLU A 77 0.08 8.26 20.11
CA GLU A 77 1.33 7.72 20.65
C GLU A 77 2.52 8.24 19.88
N PRO A 78 3.54 8.76 20.58
CA PRO A 78 4.61 9.51 19.89
C PRO A 78 5.56 8.64 19.09
N GLU A 79 5.86 7.42 19.51
CA GLU A 79 6.79 6.57 18.78
C GLU A 79 6.04 5.72 17.76
N LEU A 80 6.47 5.77 16.50
CA LEU A 80 6.07 4.77 15.52
C LEU A 80 6.76 3.45 15.81
N MET A 81 6.09 2.35 15.45
CA MET A 81 6.71 1.03 15.55
C MET A 81 7.37 0.69 14.22
N ASP A 82 8.68 0.49 14.25
CA ASP A 82 9.44 0.11 13.07
C ASP A 82 9.74 -1.39 13.17
N VAL A 83 8.85 -2.20 12.60
CA VAL A 83 8.89 -3.65 12.76
C VAL A 83 9.63 -4.28 11.59
N HIS A 84 10.73 -4.97 11.88
CA HIS A 84 11.46 -5.75 10.88
C HIS A 84 10.98 -7.19 10.96
N VAL A 85 10.50 -7.71 9.83
CA VAL A 85 9.86 -9.01 9.77
C VAL A 85 10.85 -10.00 9.21
N PHE A 86 10.95 -11.17 9.83
CA PHE A 86 11.87 -12.21 9.42
C PHE A 86 11.13 -13.51 9.19
N CYS A 87 11.69 -14.35 8.32
CA CYS A 87 11.21 -15.71 8.13
C CYS A 87 12.37 -16.69 8.27
N THR A 88 12.03 -17.92 8.66
CA THR A 88 12.94 -19.04 8.55
C THR A 88 12.11 -20.30 8.32
N ASP A 89 12.77 -21.30 7.74
CA ASP A 89 12.15 -22.61 7.56
C ASP A 89 12.74 -23.62 8.54
N SER A 90 14.04 -23.87 8.47
CA SER A 90 14.67 -24.76 9.43
C SER A 90 14.73 -24.07 10.79
N ILE A 91 14.22 -24.72 11.82
CA ILE A 91 14.41 -24.29 13.20
C ILE A 91 15.20 -25.36 13.94
N GLN A 92 15.71 -24.98 15.09
CA GLN A 92 16.41 -25.90 15.97
C GLN A 92 15.60 -26.00 17.26
N GLY A 93 15.04 -27.17 17.51
CA GLY A 93 14.27 -27.44 18.70
C GLY A 93 12.80 -27.64 18.38
N THR A 94 12.06 -27.96 19.45
CA THR A 94 10.62 -28.06 19.45
C THR A 94 10.05 -26.87 20.21
N PRO A 95 9.08 -26.15 19.65
CA PRO A 95 8.59 -24.95 20.34
C PRO A 95 7.82 -25.31 21.60
N VAL A 96 8.05 -24.54 22.67
CA VAL A 96 7.40 -24.76 23.94
C VAL A 96 6.84 -23.42 24.43
N GLU A 97 5.85 -23.52 25.32
CA GLU A 97 5.15 -22.37 25.85
C GLU A 97 6.10 -21.57 26.73
N SER A 98 5.95 -20.26 26.70
CA SER A 98 6.63 -19.36 27.63
C SER A 98 5.56 -18.60 28.41
N ASP A 99 5.98 -17.83 29.40
CA ASP A 99 5.02 -16.95 30.07
C ASP A 99 4.30 -16.03 29.08
N GLU A 100 4.97 -15.68 27.98
CA GLU A 100 4.43 -14.71 27.04
C GLU A 100 3.61 -15.36 25.93
N MET A 101 3.92 -16.58 25.51
CA MET A 101 3.37 -17.09 24.26
C MET A 101 3.06 -18.57 24.39
N ARG A 102 1.94 -18.99 23.82
CA ARG A 102 1.56 -20.38 23.69
C ARG A 102 1.65 -20.75 22.22
N PRO A 103 2.63 -21.55 21.80
CA PRO A 103 2.85 -21.79 20.37
C PRO A 103 2.04 -22.95 19.84
N CYS A 104 1.58 -22.79 18.60
CA CYS A 104 0.86 -23.81 17.86
C CYS A 104 1.16 -23.69 16.37
N TRP A 105 1.19 -24.83 15.68
CA TRP A 105 1.30 -24.86 14.23
C TRP A 105 -0.07 -24.73 13.59
N PHE A 106 -0.11 -24.07 12.44
CA PHE A 106 -1.33 -23.87 11.64
C PHE A 106 -1.08 -24.23 10.18
N GLN A 107 -1.98 -25.03 9.60
CA GLN A 107 -1.94 -25.26 8.17
C GLN A 107 -2.11 -23.95 7.40
N LEU A 108 -1.44 -23.86 6.25
CA LEU A 108 -1.33 -22.59 5.55
C LEU A 108 -2.66 -22.09 4.99
N ASP A 109 -3.70 -22.93 4.96
CA ASP A 109 -5.03 -22.47 4.63
C ASP A 109 -5.94 -22.44 5.86
N GLN A 110 -5.35 -22.50 7.05
CA GLN A 110 -6.15 -22.37 8.27
C GLN A 110 -5.56 -21.30 9.18
N ILE A 111 -5.21 -20.15 8.60
CA ILE A 111 -4.63 -19.06 9.39
C ILE A 111 -5.73 -18.38 10.20
N PRO A 112 -5.55 -18.21 11.44
CA PRO A 112 -6.64 -17.70 12.31
C PRO A 112 -6.75 -16.17 12.25
N PHE A 113 -7.00 -15.65 11.05
CA PHE A 113 -7.01 -14.20 10.81
C PHE A 113 -7.98 -13.49 11.73
N LYS A 114 -9.06 -14.14 12.13
CA LYS A 114 -10.03 -13.40 12.94
C LYS A 114 -9.54 -13.19 14.36
N ASP A 115 -8.59 -14.01 14.83
CA ASP A 115 -7.94 -13.82 16.12
C ASP A 115 -6.52 -13.26 15.98
N MET A 116 -6.28 -12.49 14.93
CA MET A 116 -4.98 -11.89 14.67
C MET A 116 -5.15 -10.41 14.42
N TRP A 117 -4.04 -9.69 14.48
CA TRP A 117 -4.07 -8.26 14.24
C TRP A 117 -4.74 -8.00 12.89
N PRO A 118 -5.62 -7.00 12.79
CA PRO A 118 -6.32 -6.77 11.52
C PRO A 118 -5.38 -6.57 10.35
N ASP A 119 -4.21 -5.97 10.56
CA ASP A 119 -3.30 -5.73 9.45
C ASP A 119 -2.71 -7.02 8.91
N ASP A 120 -2.67 -8.08 9.73
CA ASP A 120 -2.23 -9.38 9.24
C ASP A 120 -3.00 -9.80 7.98
N SER A 121 -4.30 -9.50 7.93
CA SER A 121 -5.09 -9.91 6.78
C SER A 121 -4.58 -9.29 5.48
N TYR A 122 -3.90 -8.15 5.58
CA TYR A 122 -3.36 -7.46 4.42
C TYR A 122 -1.97 -7.98 4.05
N TRP A 123 -1.05 -8.06 5.01
CA TRP A 123 0.33 -8.33 4.62
C TRP A 123 0.75 -9.77 4.80
N PHE A 124 0.14 -10.52 5.72
CA PHE A 124 0.55 -11.90 5.91
C PHE A 124 0.45 -12.75 4.65
N PRO A 125 -0.57 -12.63 3.80
CA PRO A 125 -0.57 -13.46 2.58
C PRO A 125 0.61 -13.19 1.70
N LEU A 126 1.20 -11.99 1.76
CA LEU A 126 2.41 -11.72 1.00
C LEU A 126 3.59 -12.49 1.57
N LEU A 127 3.70 -12.55 2.89
CA LEU A 127 4.72 -13.40 3.50
C LEU A 127 4.53 -14.85 3.08
N LEU A 128 3.27 -15.34 3.10
CA LEU A 128 3.01 -16.73 2.74
C LEU A 128 3.34 -16.98 1.28
N GLN A 129 3.26 -15.94 0.45
CA GLN A 129 3.58 -16.00 -0.95
C GLN A 129 5.06 -15.72 -1.22
N LYS A 130 5.87 -15.61 -0.17
CA LYS A 130 7.32 -15.47 -0.29
C LYS A 130 7.73 -14.24 -1.12
N LYS A 131 6.98 -13.16 -0.95
CA LYS A 131 7.26 -11.88 -1.57
C LYS A 131 7.70 -10.90 -0.49
N LYS A 132 8.72 -10.08 -0.78
CA LYS A 132 9.16 -9.09 0.19
C LYS A 132 8.23 -7.88 0.11
N PHE A 133 8.11 -7.14 1.22
CA PHE A 133 7.07 -6.12 1.28
C PHE A 133 7.44 -5.00 2.25
N HIS A 134 6.89 -3.81 1.99
CA HIS A 134 6.90 -2.68 2.92
C HIS A 134 5.45 -2.30 3.19
N GLY A 135 5.11 -2.12 4.48
CA GLY A 135 3.76 -1.75 4.85
C GLY A 135 3.73 -0.60 5.85
N TYR A 136 2.58 0.05 5.91
CA TYR A 136 2.34 1.09 6.91
C TYR A 136 0.90 1.00 7.33
N PHE A 137 0.65 0.92 8.64
CA PHE A 137 -0.72 0.84 9.13
C PHE A 137 -0.89 1.84 10.25
N LYS A 138 -1.93 2.68 10.13
CA LYS A 138 -2.31 3.63 11.16
C LYS A 138 -3.50 3.08 11.94
N PHE A 139 -3.30 2.87 13.24
CA PHE A 139 -4.34 2.33 14.10
C PHE A 139 -4.91 3.38 15.03
N GLN A 140 -6.19 3.26 15.33
CA GLN A 140 -6.81 3.95 16.47
C GLN A 140 -7.16 2.85 17.45
N GLY A 141 -6.38 2.72 18.51
CA GLY A 141 -6.58 1.51 19.29
C GLY A 141 -6.08 0.30 18.51
N GLN A 142 -6.62 -0.88 18.85
CA GLN A 142 -6.09 -2.15 18.37
C GLN A 142 -6.98 -2.84 17.36
N ASP A 143 -8.13 -2.26 17.00
CA ASP A 143 -9.09 -2.89 16.09
C ASP A 143 -9.28 -2.18 14.76
N THR A 144 -9.04 -0.88 14.68
CA THR A 144 -9.45 -0.08 13.53
C THR A 144 -8.22 0.45 12.80
N ILE A 145 -8.03 0.00 11.56
CA ILE A 145 -7.04 0.57 10.67
C ILE A 145 -7.63 1.82 10.04
N LEU A 146 -7.03 2.97 10.34
CA LEU A 146 -7.50 4.22 9.78
C LEU A 146 -6.94 4.46 8.39
N ASP A 147 -5.67 4.09 8.17
CA ASP A 147 -5.00 4.27 6.89
C ASP A 147 -3.96 3.16 6.74
N TYR A 148 -3.62 2.86 5.49
CA TYR A 148 -2.50 1.95 5.28
C TYR A 148 -1.95 2.09 3.88
N THR A 149 -0.67 1.75 3.74
CA THR A 149 -0.07 1.52 2.45
C THR A 149 0.66 0.19 2.48
N LEU A 150 0.70 -0.50 1.34
CA LEU A 150 1.36 -1.80 1.26
C LEU A 150 1.87 -2.00 -0.17
N ARG A 151 3.09 -2.52 -0.29
CA ARG A 151 3.68 -2.75 -1.60
C ARG A 151 4.75 -3.83 -1.45
N GLU A 152 5.00 -4.55 -2.54
CA GLU A 152 6.15 -5.45 -2.59
C GLU A 152 7.41 -4.65 -2.95
N VAL A 153 8.57 -5.16 -2.50
CA VAL A 153 9.84 -4.48 -2.69
C VAL A 153 10.87 -5.53 -3.08
N ASP A 154 11.91 -5.08 -3.78
CA ASP A 154 13.03 -5.94 -4.14
C ASP A 154 14.05 -6.05 -3.04
N THR A 155 14.25 -5.00 -2.25
CA THR A 155 15.13 -5.02 -1.09
C THR A 155 14.32 -4.61 0.12
N VAL A 156 14.30 -5.45 1.15
CA VAL A 156 13.60 -5.14 2.39
C VAL A 156 14.26 -3.97 3.12
N GLY B 2 -20.17 1.27 -2.44
CA GLY B 2 -21.13 2.35 -2.58
C GLY B 2 -21.39 2.77 -4.02
N ALA B 3 -22.41 3.61 -4.23
CA ALA B 3 -22.74 4.08 -5.56
C ALA B 3 -21.62 4.97 -6.09
N SER B 4 -21.01 4.56 -7.20
CA SER B 4 -19.88 5.28 -7.77
C SER B 4 -20.11 5.53 -9.26
N ARG B 5 -19.33 6.46 -9.80
CA ARG B 5 -19.37 6.85 -11.20
C ARG B 5 -17.97 6.73 -11.79
N LEU B 6 -17.90 6.24 -13.03
CA LEU B 6 -16.62 5.94 -13.66
C LEU B 6 -15.96 7.20 -14.21
N TYR B 7 -14.65 7.31 -13.98
CA TYR B 7 -13.80 8.35 -14.55
C TYR B 7 -12.54 7.70 -15.09
N THR B 8 -11.84 8.42 -15.97
CA THR B 8 -10.56 7.98 -16.50
C THR B 8 -9.47 8.99 -16.14
N LEU B 9 -8.24 8.49 -16.08
CA LEU B 9 -7.08 9.32 -15.80
C LEU B 9 -5.92 8.74 -16.60
N VAL B 10 -5.38 9.53 -17.53
CA VAL B 10 -4.37 9.05 -18.48
C VAL B 10 -3.07 9.79 -18.21
N LEU B 11 -1.99 9.02 -17.99
CA LEU B 11 -0.67 9.58 -17.73
C LEU B 11 0.26 9.21 -18.88
N VAL B 12 0.74 10.21 -19.60
CA VAL B 12 1.71 10.01 -20.67
C VAL B 12 3.10 10.08 -20.03
N LEU B 13 3.70 8.92 -19.79
CA LEU B 13 4.93 8.82 -19.04
C LEU B 13 6.13 8.53 -19.94
N VAL B 18 7.13 12.93 -18.40
CA VAL B 18 5.68 12.80 -18.21
C VAL B 18 4.93 14.05 -18.64
N LEU B 19 3.71 13.86 -19.19
CA LEU B 19 2.89 14.95 -19.70
C LEU B 19 1.71 15.20 -18.78
N LEU B 20 1.48 16.47 -18.45
CA LEU B 20 0.34 16.87 -17.64
C LEU B 20 -0.39 18.01 -18.33
N GLY B 21 -1.57 18.35 -17.80
CA GLY B 21 -2.37 19.41 -18.38
C GLY B 21 -3.01 20.33 -17.37
N MET B 22 -2.88 21.63 -17.58
CA MET B 22 -3.40 22.62 -16.64
C MET B 22 -4.90 22.78 -16.85
N LYS B 23 -5.67 22.54 -15.79
CA LYS B 23 -7.12 22.61 -15.85
C LYS B 23 -7.59 24.05 -15.76
N LYS B 24 -8.42 24.47 -16.73
CA LYS B 24 -8.80 25.87 -16.89
C LYS B 24 -10.08 26.24 -16.14
N ARG B 25 -11.06 25.37 -16.07
CA ARG B 25 -12.30 25.69 -15.36
C ARG B 25 -12.93 24.41 -14.84
N GLY B 26 -14.04 24.58 -14.14
CA GLY B 26 -14.75 23.44 -13.60
C GLY B 26 -14.16 23.00 -12.27
N PHE B 27 -14.33 21.72 -11.98
CA PHE B 27 -13.91 21.16 -10.70
C PHE B 27 -12.38 21.14 -10.62
N GLY B 28 -11.85 21.81 -9.61
CA GLY B 28 -10.41 21.80 -9.43
C GLY B 28 -9.62 22.50 -10.52
N ALA B 29 -10.14 23.61 -11.03
CA ALA B 29 -9.36 24.44 -11.95
C ALA B 29 -8.18 25.06 -11.23
N GLY B 30 -7.08 25.21 -11.95
CA GLY B 30 -5.86 25.75 -11.36
C GLY B 30 -4.89 24.71 -10.86
N ARG B 31 -5.13 23.44 -11.15
CA ARG B 31 -4.20 22.37 -10.80
C ARG B 31 -3.80 21.60 -12.05
N TRP B 32 -2.59 21.06 -12.02
CA TRP B 32 -2.10 20.17 -13.06
C TRP B 32 -2.69 18.78 -12.89
N ASN B 33 -3.18 18.20 -13.98
CA ASN B 33 -3.94 16.95 -13.96
C ASN B 33 -3.46 16.06 -15.09
N GLY B 34 -3.57 14.76 -14.88
CA GLY B 34 -3.60 13.85 -16.01
C GLY B 34 -4.84 14.12 -16.86
N PHE B 35 -4.87 13.48 -18.02
CA PHE B 35 -5.97 13.63 -18.95
C PHE B 35 -7.06 12.62 -18.62
N GLY B 36 -8.30 12.98 -18.90
CA GLY B 36 -9.42 12.07 -18.67
C GLY B 36 -10.67 12.84 -18.27
N GLY B 37 -11.62 12.09 -17.72
CA GLY B 37 -12.91 12.64 -17.36
C GLY B 37 -13.95 11.55 -17.24
N LYS B 38 -15.21 11.96 -17.31
CA LYS B 38 -16.32 11.03 -17.20
C LYS B 38 -16.33 10.03 -18.35
N VAL B 39 -16.86 8.85 -18.08
CA VAL B 39 -17.02 7.80 -19.09
C VAL B 39 -18.48 7.81 -19.54
N GLN B 40 -18.70 7.63 -20.84
CA GLN B 40 -20.02 7.70 -21.43
C GLN B 40 -20.67 6.33 -21.56
N GLU B 41 -22.00 6.32 -21.51
CA GLU B 41 -22.75 5.13 -21.84
C GLU B 41 -22.47 4.75 -23.29
N GLY B 42 -22.19 3.47 -23.53
CA GLY B 42 -21.90 3.05 -24.88
C GLY B 42 -20.45 3.03 -25.27
N GLU B 43 -19.53 3.38 -24.38
CA GLU B 43 -18.09 3.27 -24.65
C GLU B 43 -17.39 2.49 -23.54
N THR B 44 -16.31 1.79 -23.90
CA THR B 44 -15.52 1.12 -22.87
C THR B 44 -14.73 2.16 -22.07
N ILE B 45 -14.30 1.75 -20.88
CA ILE B 45 -13.49 2.65 -20.05
C ILE B 45 -12.24 3.10 -20.81
N GLU B 46 -11.61 2.17 -21.53
CA GLU B 46 -10.42 2.54 -22.28
C GLU B 46 -10.77 3.47 -23.44
N ASP B 47 -11.81 3.14 -24.20
CA ASP B 47 -12.31 4.04 -25.24
C ASP B 47 -12.55 5.43 -24.68
N GLY B 48 -13.22 5.51 -23.53
CA GLY B 48 -13.39 6.80 -22.87
C GLY B 48 -12.07 7.48 -22.57
N ALA B 49 -11.07 6.71 -22.15
CA ALA B 49 -9.77 7.30 -21.82
C ALA B 49 -9.13 7.90 -23.06
N ARG B 50 -9.17 7.17 -24.18
CA ARG B 50 -8.62 7.68 -25.42
C ARG B 50 -9.41 8.89 -25.91
N ARG B 51 -10.73 8.91 -25.70
CA ARG B 51 -11.55 10.01 -26.18
C ARG B 51 -11.18 11.30 -25.46
N GLU B 52 -11.12 11.25 -24.13
CA GLU B 52 -10.74 12.44 -23.37
C GLU B 52 -9.34 12.91 -23.72
N LEU B 53 -8.41 11.97 -23.91
CA LEU B 53 -7.04 12.35 -24.24
C LEU B 53 -6.98 13.13 -25.53
N GLN B 54 -7.67 12.65 -26.57
CA GLN B 54 -7.71 13.36 -27.83
C GLN B 54 -8.42 14.70 -27.66
N GLU B 55 -9.57 14.70 -26.99
CA GLU B 55 -10.29 15.94 -26.76
C GLU B 55 -9.40 16.98 -26.09
N GLU B 56 -8.61 16.56 -25.10
CA GLU B 56 -7.91 17.53 -24.26
C GLU B 56 -6.51 17.87 -24.75
N SER B 57 -5.91 17.06 -25.62
CA SER B 57 -4.60 17.40 -26.14
C SER B 57 -4.40 17.07 -27.61
N GLY B 58 -5.43 16.59 -28.32
CA GLY B 58 -5.27 16.13 -29.69
C GLY B 58 -4.54 14.82 -29.83
N LEU B 59 -3.99 14.27 -28.75
CA LEU B 59 -3.11 13.12 -28.85
C LEU B 59 -3.90 11.83 -29.10
N THR B 60 -3.36 11.03 -30.01
CA THR B 60 -3.77 9.64 -30.19
C THR B 60 -2.60 8.77 -29.77
N VAL B 61 -2.89 7.55 -29.33
CA VAL B 61 -1.86 6.64 -28.87
C VAL B 61 -2.15 5.25 -29.43
N ASP B 62 -1.12 4.42 -29.43
CA ASP B 62 -1.28 3.07 -29.94
C ASP B 62 -1.87 2.16 -28.88
N ALA B 63 -1.31 2.20 -27.66
CA ALA B 63 -1.78 1.36 -26.56
C ALA B 63 -1.96 2.21 -25.32
N LEU B 64 -2.98 1.85 -24.54
CA LEU B 64 -3.12 2.31 -23.17
C LEU B 64 -3.02 1.11 -22.25
N HIS B 65 -2.27 1.27 -21.15
CA HIS B 65 -2.03 0.20 -20.22
C HIS B 65 -2.75 0.50 -18.91
N LYS B 66 -3.52 -0.47 -18.42
CA LYS B 66 -4.14 -0.37 -17.11
C LYS B 66 -3.03 -0.36 -16.05
N VAL B 67 -2.91 0.74 -15.32
CA VAL B 67 -1.95 0.80 -14.23
C VAL B 67 -2.57 0.99 -12.87
N GLY B 68 -3.80 1.49 -12.76
CA GLY B 68 -4.35 1.50 -11.42
C GLY B 68 -5.82 1.85 -11.40
N GLN B 69 -6.37 1.77 -10.20
CA GLN B 69 -7.71 2.26 -9.91
C GLN B 69 -7.66 3.02 -8.60
N ILE B 70 -8.28 4.20 -8.59
CA ILE B 70 -8.37 5.03 -7.40
C ILE B 70 -9.84 5.40 -7.20
N VAL B 71 -10.32 5.22 -5.98
CA VAL B 71 -11.63 5.71 -5.59
C VAL B 71 -11.44 7.01 -4.80
N PHE B 72 -12.16 8.06 -5.17
CA PHE B 72 -12.19 9.28 -4.38
C PHE B 72 -13.56 9.43 -3.76
N GLU B 73 -13.59 9.78 -2.48
CA GLU B 73 -14.81 10.14 -1.78
C GLU B 73 -14.67 11.56 -1.25
N PHE B 74 -15.72 12.36 -1.43
CA PHE B 74 -15.73 13.73 -0.91
C PHE B 74 -16.77 13.84 0.19
N VAL B 75 -16.35 14.42 1.33
CA VAL B 75 -17.29 14.78 2.38
C VAL B 75 -18.49 15.48 1.76
N GLY B 76 -19.68 15.03 2.12
CA GLY B 76 -20.90 15.66 1.65
C GLY B 76 -21.30 15.36 0.23
N GLU B 77 -20.50 14.59 -0.51
CA GLU B 77 -20.88 14.11 -1.83
C GLU B 77 -21.21 12.62 -1.74
N PRO B 78 -22.44 12.20 -2.03
CA PRO B 78 -22.79 10.78 -1.91
C PRO B 78 -22.25 9.90 -3.03
N GLU B 79 -21.95 10.44 -4.20
CA GLU B 79 -21.41 9.65 -5.30
C GLU B 79 -19.89 9.56 -5.19
N LEU B 80 -19.36 8.35 -5.33
CA LEU B 80 -17.92 8.13 -5.35
C LEU B 80 -17.38 8.24 -6.78
N MET B 81 -16.11 8.64 -6.88
CA MET B 81 -15.41 8.62 -8.16
C MET B 81 -14.60 7.33 -8.27
N ASP B 82 -14.92 6.52 -9.28
CA ASP B 82 -14.21 5.27 -9.56
C ASP B 82 -13.26 5.55 -10.71
N VAL B 83 -12.02 5.90 -10.39
CA VAL B 83 -11.09 6.41 -11.40
C VAL B 83 -10.23 5.27 -11.88
N HIS B 84 -10.28 5.00 -13.18
CA HIS B 84 -9.44 4.00 -13.82
C HIS B 84 -8.26 4.71 -14.46
N VAL B 85 -7.06 4.38 -13.99
CA VAL B 85 -5.82 5.05 -14.36
C VAL B 85 -5.13 4.24 -15.45
N PHE B 86 -4.63 4.93 -16.46
CA PHE B 86 -3.97 4.29 -17.59
C PHE B 86 -2.65 4.96 -17.84
N CYS B 87 -1.76 4.25 -18.53
CA CYS B 87 -0.43 4.75 -18.80
C CYS B 87 -0.06 4.49 -20.25
N THR B 88 0.64 5.46 -20.87
CA THR B 88 1.19 5.23 -22.18
C THR B 88 2.51 5.98 -22.31
N ASP B 89 3.41 5.38 -23.10
CA ASP B 89 4.74 5.94 -23.37
C ASP B 89 4.78 6.52 -24.78
N SER B 90 4.78 5.66 -25.80
CA SER B 90 4.77 6.12 -27.17
C SER B 90 3.39 6.68 -27.52
N ILE B 91 3.35 7.96 -27.88
CA ILE B 91 2.13 8.59 -28.36
C ILE B 91 2.17 8.72 -29.87
N GLN B 92 1.07 9.17 -30.46
CA GLN B 92 1.00 9.50 -31.88
C GLN B 92 0.55 10.94 -32.01
N GLY B 93 1.42 11.79 -32.51
CA GLY B 93 1.11 13.19 -32.68
C GLY B 93 1.96 14.07 -31.77
N THR B 94 1.55 15.32 -31.71
CA THR B 94 2.24 16.36 -30.95
C THR B 94 1.25 17.05 -30.03
N PRO B 95 1.48 17.02 -28.72
CA PRO B 95 0.59 17.69 -27.78
C PRO B 95 0.23 19.10 -28.23
N VAL B 96 -1.03 19.34 -28.55
CA VAL B 96 -1.48 20.69 -28.79
C VAL B 96 -2.50 21.04 -27.71
N GLU B 97 -2.58 22.33 -27.39
CA GLU B 97 -3.55 22.80 -26.42
C GLU B 97 -4.95 22.56 -26.96
N SER B 98 -5.90 22.43 -26.06
CA SER B 98 -7.31 22.31 -26.40
C SER B 98 -8.09 23.27 -25.53
N ASP B 99 -9.41 23.28 -25.71
CA ASP B 99 -10.27 24.15 -24.91
C ASP B 99 -10.12 23.86 -23.44
N GLU B 100 -10.04 22.58 -23.08
CA GLU B 100 -10.23 22.17 -21.71
C GLU B 100 -8.95 22.29 -20.88
N MET B 101 -7.79 21.99 -21.45
CA MET B 101 -6.59 21.93 -20.63
C MET B 101 -5.37 22.34 -21.44
N ARG B 102 -4.38 22.87 -20.72
CA ARG B 102 -3.15 23.40 -21.26
C ARG B 102 -2.03 22.40 -21.02
N PRO B 103 -1.76 21.52 -21.97
CA PRO B 103 -0.76 20.47 -21.75
C PRO B 103 0.63 21.07 -21.63
N CYS B 104 1.48 20.41 -20.83
CA CYS B 104 2.87 20.79 -20.73
C CYS B 104 3.69 19.61 -20.21
N TRP B 105 4.88 19.42 -20.79
CA TRP B 105 5.78 18.37 -20.33
C TRP B 105 6.58 18.82 -19.12
N PHE B 106 6.90 17.85 -18.25
CA PHE B 106 7.69 18.10 -17.05
C PHE B 106 8.75 17.02 -16.87
N GLN B 107 9.96 17.43 -16.52
CA GLN B 107 10.98 16.46 -16.13
C GLN B 107 10.51 15.69 -14.89
N LEU B 108 10.88 14.42 -14.83
CA LEU B 108 10.41 13.59 -13.73
C LEU B 108 10.93 14.06 -12.37
N ASP B 109 11.94 14.93 -12.33
CA ASP B 109 12.40 15.49 -11.07
C ASP B 109 11.80 16.86 -10.80
N GLN B 110 10.80 17.28 -11.59
CA GLN B 110 10.13 18.57 -11.38
C GLN B 110 8.62 18.41 -11.61
N ILE B 111 8.02 17.44 -10.94
CA ILE B 111 6.58 17.23 -11.01
C ILE B 111 5.92 18.22 -10.05
N PRO B 112 5.11 19.03 -10.49
CA PRO B 112 4.60 20.14 -9.67
C PRO B 112 3.54 19.73 -8.66
N PHE B 113 3.94 18.92 -7.67
CA PHE B 113 2.97 18.35 -6.74
C PHE B 113 2.21 19.43 -6.00
N LYS B 114 2.87 20.56 -5.70
CA LYS B 114 2.17 21.62 -4.99
C LYS B 114 1.05 22.23 -5.82
N ASP B 115 1.07 22.08 -7.14
CA ASP B 115 -0.01 22.55 -8.00
C ASP B 115 -0.79 21.38 -8.60
N MET B 116 -0.85 20.26 -7.87
CA MET B 116 -1.63 19.10 -8.26
C MET B 116 -2.47 18.67 -7.06
N TRP B 117 -3.44 17.81 -7.33
CA TRP B 117 -4.23 17.24 -6.24
C TRP B 117 -3.28 16.60 -5.22
N PRO B 118 -3.57 16.76 -3.92
CA PRO B 118 -2.61 16.25 -2.92
C PRO B 118 -2.43 14.75 -2.93
N ASP B 119 -3.39 13.98 -3.47
CA ASP B 119 -3.20 12.53 -3.53
C ASP B 119 -2.09 12.14 -4.50
N ASP B 120 -1.77 13.00 -5.47
CA ASP B 120 -0.80 12.62 -6.49
C ASP B 120 0.54 12.22 -5.88
N SER B 121 0.96 12.90 -4.80
CA SER B 121 2.23 12.56 -4.18
C SER B 121 2.23 11.19 -3.53
N TYR B 122 1.05 10.64 -3.22
CA TYR B 122 0.98 9.31 -2.60
C TYR B 122 1.21 8.21 -3.62
N TRP B 123 0.54 8.26 -4.79
CA TRP B 123 0.59 7.12 -5.69
C TRP B 123 1.54 7.29 -6.89
N PHE B 124 2.06 8.50 -7.12
CA PHE B 124 3.05 8.66 -8.20
C PHE B 124 4.29 7.78 -8.06
N PRO B 125 4.85 7.55 -6.86
CA PRO B 125 5.98 6.60 -6.78
C PRO B 125 5.66 5.23 -7.36
N LEU B 126 4.45 4.71 -7.12
CA LEU B 126 4.06 3.44 -7.70
C LEU B 126 3.95 3.54 -9.22
N LEU B 127 3.36 4.64 -9.71
CA LEU B 127 3.30 4.85 -11.15
C LEU B 127 4.70 4.84 -11.77
N LEU B 128 5.62 5.58 -11.16
CA LEU B 128 6.94 5.74 -11.76
C LEU B 128 7.74 4.44 -11.74
N GLN B 129 7.49 3.56 -10.78
CA GLN B 129 8.15 2.27 -10.71
C GLN B 129 7.40 1.19 -11.48
N LYS B 130 6.51 1.59 -12.38
CA LYS B 130 5.73 0.66 -13.19
C LYS B 130 5.05 -0.39 -12.33
N LYS B 131 4.52 0.05 -11.19
CA LYS B 131 3.73 -0.83 -10.34
C LYS B 131 2.25 -0.53 -10.49
N LYS B 132 1.42 -1.57 -10.42
CA LYS B 132 -0.02 -1.44 -10.45
C LYS B 132 -0.55 -1.26 -9.03
N PHE B 133 -1.63 -0.49 -8.90
CA PHE B 133 -2.05 -0.10 -7.56
C PHE B 133 -3.56 0.12 -7.49
N HIS B 134 -4.07 -0.01 -6.27
CA HIS B 134 -5.43 0.39 -5.91
C HIS B 134 -5.29 1.40 -4.77
N GLY B 135 -5.85 2.59 -4.97
CA GLY B 135 -5.88 3.59 -3.93
C GLY B 135 -7.30 3.95 -3.55
N TYR B 136 -7.48 4.41 -2.32
CA TYR B 136 -8.69 5.09 -1.88
C TYR B 136 -8.27 6.37 -1.19
N PHE B 137 -8.96 7.48 -1.49
CA PHE B 137 -8.70 8.76 -0.81
C PHE B 137 -10.02 9.42 -0.49
N LYS B 138 -10.23 9.74 0.80
CA LYS B 138 -11.37 10.52 1.24
C LYS B 138 -10.95 11.96 1.41
N PHE B 139 -11.64 12.86 0.72
CA PHE B 139 -11.31 14.28 0.71
C PHE B 139 -12.35 15.08 1.49
N GLN B 140 -11.88 16.11 2.18
CA GLN B 140 -12.70 17.17 2.76
C GLN B 140 -12.33 18.43 2.00
N GLY B 141 -13.18 18.85 1.06
CA GLY B 141 -12.72 19.91 0.17
C GLY B 141 -11.67 19.38 -0.80
N GLN B 142 -10.91 20.31 -1.38
CA GLN B 142 -9.98 19.98 -2.46
C GLN B 142 -8.53 19.85 -2.03
N ASP B 143 -8.18 20.13 -0.77
CA ASP B 143 -6.79 20.00 -0.34
C ASP B 143 -6.56 19.11 0.88
N THR B 144 -7.60 18.63 1.54
CA THR B 144 -7.47 17.86 2.77
C THR B 144 -7.84 16.41 2.51
N ILE B 145 -6.88 15.51 2.65
CA ILE B 145 -7.16 14.08 2.67
C ILE B 145 -7.42 13.67 4.12
N LEU B 146 -8.62 13.16 4.39
CA LEU B 146 -8.92 12.75 5.77
C LEU B 146 -8.40 11.37 6.08
N ASP B 147 -8.53 10.43 5.15
CA ASP B 147 -7.96 9.10 5.28
C ASP B 147 -7.72 8.54 3.88
N TYR B 148 -6.85 7.53 3.81
CA TYR B 148 -6.48 6.95 2.53
C TYR B 148 -6.02 5.52 2.71
N THR B 149 -6.06 4.75 1.63
CA THR B 149 -5.37 3.47 1.54
C THR B 149 -4.69 3.41 0.19
N LEU B 150 -3.58 2.70 0.12
CA LEU B 150 -2.92 2.49 -1.17
C LEU B 150 -2.17 1.18 -1.13
N ARG B 151 -2.42 0.34 -2.13
CA ARG B 151 -1.88 -1.02 -2.14
C ARG B 151 -1.39 -1.35 -3.55
N GLU B 152 -0.17 -1.88 -3.66
CA GLU B 152 0.24 -2.45 -4.95
C GLU B 152 -0.54 -3.73 -5.21
N VAL B 153 -0.97 -3.93 -6.47
CA VAL B 153 -1.81 -5.06 -6.84
C VAL B 153 -1.17 -5.80 -8.00
N ASP B 154 -1.60 -7.04 -8.20
CA ASP B 154 -1.25 -7.79 -9.39
C ASP B 154 -2.27 -7.61 -10.51
N THR B 155 -3.54 -7.41 -10.16
CA THR B 155 -4.61 -7.24 -11.15
C THR B 155 -5.27 -5.89 -10.91
N VAL B 156 -5.21 -5.01 -11.91
CA VAL B 156 -5.89 -3.71 -11.82
C VAL B 156 -7.39 -3.88 -11.73
#